data_2X5R
#
_entry.id   2X5R
#
_cell.length_a   39.041
_cell.length_b   39.041
_cell.length_c   143.733
_cell.angle_alpha   90.00
_cell.angle_beta   90.00
_cell.angle_gamma   120.00
#
_symmetry.space_group_name_H-M   'P 32 2 1'
#
loop_
_entity.id
_entity.type
_entity.pdbx_description
1 polymer 'HYPOTHETICAL PROTEIN ORF126'
2 non-polymer 'ZINC ION'
3 water water
#
_entity_poly.entity_id   1
_entity_poly.type   'polypeptide(L)'
_entity_poly.pdbx_seq_one_letter_code
;GAMARVGPKIEITHGGKKYTVFSKVTHLVPRTENGEEAEYVVFGPEKEGVISVVVLAPKDLNEEALALRVKWFNDTKPRC
VKCGAAYNGKNHFRVVAIRNGTYYLDAVCDKCEPRITWLSAIVIGRS
;
_entity_poly.pdbx_strand_id   A
#
# COMPACT_ATOMS: atom_id res chain seq x y z
N GLY A 1 30.92 11.61 6.07
CA GLY A 1 29.72 11.51 5.25
C GLY A 1 28.99 10.20 5.44
N ALA A 2 27.99 10.21 6.33
CA ALA A 2 27.20 9.02 6.61
C ALA A 2 26.10 8.83 5.58
N MET A 3 26.05 7.63 4.99
CA MET A 3 25.04 7.32 3.99
C MET A 3 23.65 7.29 4.59
N ALA A 4 22.65 7.31 3.71
CA ALA A 4 21.25 7.22 4.12
C ALA A 4 20.47 6.56 3.00
N ARG A 5 19.74 5.50 3.32
CA ARG A 5 18.88 4.84 2.34
C ARG A 5 17.72 5.76 1.98
N VAL A 6 17.36 5.78 0.70
CA VAL A 6 16.39 6.72 0.17
C VAL A 6 15.52 6.01 -0.88
N GLY A 7 14.36 6.57 -1.16
CA GLY A 7 13.50 6.06 -2.22
C GLY A 7 12.88 4.69 -1.95
N PRO A 8 12.72 3.87 -3.00
CA PRO A 8 12.04 2.57 -2.84
C PRO A 8 12.91 1.52 -2.18
N LYS A 9 12.28 0.65 -1.40
CA LYS A 9 12.99 -0.44 -0.74
C LYS A 9 13.29 -1.56 -1.73
N ILE A 10 12.26 -1.94 -2.49
CA ILE A 10 12.33 -3.08 -3.41
C ILE A 10 11.52 -2.81 -4.70
N GLU A 11 11.99 -3.36 -5.82
CA GLU A 11 11.27 -3.30 -7.09
C GLU A 11 11.02 -4.71 -7.57
N ILE A 12 9.75 -5.05 -7.83
CA ILE A 12 9.36 -6.41 -8.15
C ILE A 12 8.43 -6.51 -9.36
N THR A 13 8.56 -7.61 -10.08
CA THR A 13 7.66 -7.95 -11.17
C THR A 13 6.74 -9.07 -10.71
N HIS A 14 5.47 -8.97 -11.09
CA HIS A 14 4.44 -9.94 -10.73
C HIS A 14 3.28 -9.75 -11.69
N GLY A 15 2.77 -10.82 -12.26
CA GLY A 15 1.65 -10.74 -13.19
C GLY A 15 1.93 -9.90 -14.43
N GLY A 16 3.18 -9.88 -14.86
CA GLY A 16 3.60 -9.11 -16.04
C GLY A 16 3.72 -7.62 -15.80
N LYS A 17 3.69 -7.22 -14.52
CA LYS A 17 3.70 -5.81 -14.14
C LYS A 17 4.83 -5.53 -13.15
N LYS A 18 5.24 -4.27 -13.11
CA LYS A 18 6.41 -3.83 -12.33
C LYS A 18 5.95 -2.90 -11.21
N TYR A 19 6.37 -3.21 -9.99
CA TYR A 19 5.97 -2.48 -8.78
C TYR A 19 7.20 -1.92 -8.08
N THR A 20 7.17 -0.63 -7.82
CA THR A 20 8.21 0.02 -7.03
C THR A 20 7.62 0.25 -5.66
N VAL A 21 8.21 -0.40 -4.65
CA VAL A 21 7.62 -0.40 -3.32
C VAL A 21 8.39 0.49 -2.37
N PHE A 22 7.71 1.53 -1.89
CA PHE A 22 8.23 2.43 -0.87
C PHE A 22 7.65 1.99 0.48
N SER A 23 8.31 2.37 1.56
CA SER A 23 7.75 2.15 2.90
C SER A 23 8.20 3.19 3.92
N LYS A 24 7.36 3.36 4.94
CA LYS A 24 7.63 4.26 6.04
C LYS A 24 7.14 3.60 7.34
N VAL A 25 7.97 3.69 8.38
CA VAL A 25 7.60 3.27 9.72
C VAL A 25 6.87 4.45 10.36
N THR A 26 5.57 4.27 10.56
CA THR A 26 4.75 5.30 11.13
C THR A 26 3.63 4.65 11.96
N HIS A 27 3.23 5.35 13.02
CA HIS A 27 2.13 4.96 13.88
C HIS A 27 0.91 5.83 13.63
N LEU A 28 0.99 6.66 12.61
CA LEU A 28 -0.16 7.46 12.18
C LEU A 28 -1.02 6.59 11.29
N VAL A 29 -1.51 5.49 11.85
CA VAL A 29 -2.25 4.46 11.13
C VAL A 29 -3.53 4.13 11.89
N PRO A 30 -4.50 3.50 11.22
CA PRO A 30 -5.71 3.16 11.95
C PRO A 30 -5.50 2.02 12.94
N ARG A 31 -6.47 1.84 13.83
CA ARG A 31 -6.42 0.81 14.85
CA ARG A 31 -6.42 0.81 14.85
C ARG A 31 -7.82 0.31 15.15
N THR A 32 -7.91 -0.93 15.66
CA THR A 32 -9.18 -1.49 16.08
C THR A 32 -9.46 -0.99 17.51
N GLU A 33 -10.72 -1.06 17.92
CA GLU A 33 -11.13 -0.73 19.29
C GLU A 33 -10.32 -1.56 20.27
N ASN A 34 -10.11 -2.82 19.89
CA ASN A 34 -9.40 -3.78 20.72
C ASN A 34 -7.94 -3.39 20.98
N GLY A 35 -7.31 -2.72 20.01
CA GLY A 35 -5.92 -2.28 20.14
C GLY A 35 -4.96 -2.80 19.07
N GLU A 36 -5.48 -3.49 18.06
CA GLU A 36 -4.65 -3.93 16.93
C GLU A 36 -4.40 -2.76 15.99
N GLU A 37 -3.14 -2.42 15.80
CA GLU A 37 -2.73 -1.32 14.95
C GLU A 37 -2.60 -1.79 13.51
N ALA A 38 -3.19 -1.03 12.59
CA ALA A 38 -3.23 -1.44 11.19
C ALA A 38 -2.06 -0.87 10.40
N GLU A 39 -2.08 -1.14 9.09
CA GLU A 39 -1.16 -0.54 8.13
C GLU A 39 -1.99 -0.03 6.96
N TYR A 40 -1.45 0.96 6.26
CA TYR A 40 -1.98 1.41 4.97
C TYR A 40 -1.11 0.85 3.86
N VAL A 41 -1.74 0.39 2.77
CA VAL A 41 -1.00 0.20 1.52
C VAL A 41 -1.72 0.98 0.43
N VAL A 42 -0.98 1.84 -0.28
CA VAL A 42 -1.57 2.60 -1.38
C VAL A 42 -0.92 2.25 -2.71
N PHE A 43 -1.75 1.80 -3.65
CA PHE A 43 -1.35 1.47 -5.01
C PHE A 43 -1.62 2.66 -5.93
N GLY A 44 -0.61 3.03 -6.70
CA GLY A 44 -0.71 4.15 -7.62
C GLY A 44 -1.04 3.65 -9.00
N PRO A 45 -1.38 4.57 -9.93
CA PRO A 45 -1.66 4.15 -11.28
C PRO A 45 -0.36 3.87 -12.02
N GLU A 46 -0.42 2.98 -13.00
CA GLU A 46 0.77 2.66 -13.77
C GLU A 46 1.19 3.88 -14.58
N LYS A 47 2.44 4.32 -14.38
CA LYS A 47 3.00 5.48 -15.07
C LYS A 47 4.44 5.15 -15.44
N GLU A 48 4.74 5.16 -16.73
CA GLU A 48 6.07 4.82 -17.22
C GLU A 48 6.42 3.36 -16.90
N GLY A 49 5.49 2.46 -17.24
CA GLY A 49 5.69 1.02 -17.05
C GLY A 49 5.54 0.50 -15.63
N VAL A 50 5.52 1.40 -14.64
CA VAL A 50 5.67 1.02 -13.22
C VAL A 50 4.50 1.47 -12.32
N ILE A 51 4.09 0.58 -11.42
CA ILE A 51 3.07 0.89 -10.42
C ILE A 51 3.77 1.19 -9.11
N SER A 52 3.53 2.39 -8.58
CA SER A 52 4.09 2.79 -7.29
C SER A 52 3.29 2.19 -6.14
N VAL A 53 3.98 1.65 -5.14
CA VAL A 53 3.33 1.14 -3.93
C VAL A 53 3.92 1.83 -2.70
N VAL A 54 3.07 2.18 -1.75
CA VAL A 54 3.50 2.82 -0.51
C VAL A 54 2.84 2.12 0.66
N VAL A 55 3.69 1.58 1.54
CA VAL A 55 3.26 0.84 2.72
C VAL A 55 3.64 1.65 3.96
N LEU A 56 2.62 2.12 4.67
CA LEU A 56 2.83 2.85 5.91
C LEU A 56 2.46 1.89 7.03
N ALA A 57 3.44 1.56 7.86
CA ALA A 57 3.22 0.55 8.89
C ALA A 57 3.96 0.91 10.17
N PRO A 58 3.44 0.46 11.34
CA PRO A 58 4.02 0.80 12.64
C PRO A 58 5.25 -0.01 12.99
N LYS A 59 5.66 -0.90 12.09
CA LYS A 59 6.77 -1.80 12.32
C LYS A 59 7.72 -1.71 11.13
N ASP A 60 8.97 -2.14 11.34
CA ASP A 60 9.93 -2.17 10.25
C ASP A 60 9.71 -3.46 9.44
N LEU A 61 9.31 -3.30 8.17
CA LEU A 61 9.04 -4.43 7.29
C LEU A 61 10.21 -4.69 6.34
N ASN A 62 10.76 -5.90 6.41
CA ASN A 62 11.82 -6.29 5.48
C ASN A 62 11.28 -6.41 4.05
N GLU A 63 12.17 -6.71 3.12
CA GLU A 63 11.85 -6.69 1.70
C GLU A 63 10.95 -7.86 1.27
N GLU A 64 11.13 -9.01 1.89
CA GLU A 64 10.20 -10.13 1.71
C GLU A 64 8.77 -9.76 2.13
N ALA A 65 8.63 -9.16 3.32
CA ALA A 65 7.32 -8.74 3.85
C ALA A 65 6.66 -7.69 2.98
N LEU A 66 7.46 -6.77 2.43
CA LEU A 66 6.92 -5.74 1.55
C LEU A 66 6.42 -6.36 0.26
N ALA A 67 7.22 -7.23 -0.33
CA ALA A 67 6.84 -7.92 -1.56
C ALA A 67 5.54 -8.75 -1.40
N LEU A 68 5.37 -9.39 -0.24
CA LEU A 68 4.16 -10.16 0.06
C LEU A 68 2.87 -9.30 0.07
N ARG A 69 2.96 -8.04 0.49
CA ARG A 69 1.78 -7.13 0.45
C ARG A 69 1.25 -6.94 -0.98
N VAL A 70 2.17 -6.84 -1.94
CA VAL A 70 1.82 -6.66 -3.35
C VAL A 70 1.16 -7.91 -3.88
N LYS A 71 1.79 -9.05 -3.60
CA LYS A 71 1.24 -10.36 -3.93
C LYS A 71 -0.16 -10.61 -3.37
N TRP A 72 -0.35 -10.39 -2.07
CA TRP A 72 -1.64 -10.59 -1.39
C TRP A 72 -2.73 -9.70 -1.99
N PHE A 73 -2.37 -8.47 -2.32
CA PHE A 73 -3.25 -7.53 -3.00
C PHE A 73 -3.61 -7.99 -4.43
N ASN A 74 -2.59 -8.33 -5.22
CA ASN A 74 -2.80 -8.83 -6.57
C ASN A 74 -3.70 -10.07 -6.59
N ASP A 75 -3.52 -10.94 -5.60
CA ASP A 75 -4.26 -12.22 -5.55
C ASP A 75 -5.63 -12.10 -4.85
N THR A 76 -5.81 -11.06 -4.03
CA THR A 76 -7.08 -10.81 -3.36
C THR A 76 -8.02 -9.99 -4.24
N LYS A 77 -7.43 -9.06 -5.01
CA LYS A 77 -8.18 -8.14 -5.88
C LYS A 77 -9.41 -7.56 -5.16
N PRO A 78 -9.19 -6.96 -3.98
CA PRO A 78 -10.30 -6.43 -3.19
C PRO A 78 -11.02 -5.28 -3.90
N ARG A 79 -12.30 -5.10 -3.60
CA ARG A 79 -13.12 -4.07 -4.24
C ARG A 79 -13.28 -2.87 -3.34
N CYS A 80 -13.34 -1.68 -3.94
CA CYS A 80 -13.66 -0.47 -3.18
C CYS A 80 -14.94 -0.67 -2.38
N VAL A 81 -14.88 -0.33 -1.09
CA VAL A 81 -16.05 -0.50 -0.20
C VAL A 81 -17.17 0.51 -0.47
N LYS A 82 -16.86 1.61 -1.16
CA LYS A 82 -17.86 2.65 -1.39
C LYS A 82 -18.50 2.61 -2.78
N CYS A 83 -17.79 2.09 -3.78
CA CYS A 83 -18.33 2.04 -5.14
C CYS A 83 -18.23 0.67 -5.81
N GLY A 84 -17.50 -0.27 -5.21
CA GLY A 84 -17.35 -1.61 -5.76
C GLY A 84 -16.27 -1.80 -6.82
N ALA A 85 -15.55 -0.72 -7.14
CA ALA A 85 -14.52 -0.79 -8.19
C ALA A 85 -13.27 -1.50 -7.70
N ALA A 86 -12.63 -2.27 -8.59
CA ALA A 86 -11.32 -2.84 -8.32
C ALA A 86 -10.22 -1.87 -8.79
N TYR A 87 -9.02 -2.00 -8.23
CA TYR A 87 -7.85 -1.32 -8.75
C TYR A 87 -7.64 -1.79 -10.19
N ASN A 88 -7.54 -0.83 -11.10
CA ASN A 88 -7.47 -1.09 -12.55
C ASN A 88 -6.18 -0.58 -13.19
N GLY A 89 -5.27 -0.02 -12.39
CA GLY A 89 -4.04 0.56 -12.91
C GLY A 89 -4.16 2.03 -13.31
N LYS A 90 -5.39 2.53 -13.42
CA LYS A 90 -5.62 3.93 -13.77
C LYS A 90 -5.94 4.78 -12.54
N ASN A 91 -6.43 4.14 -11.47
CA ASN A 91 -6.76 4.82 -10.22
C ASN A 91 -5.70 4.59 -9.13
N HIS A 92 -5.79 5.36 -8.05
CA HIS A 92 -5.08 5.05 -6.81
C HIS A 92 -6.02 4.18 -6.00
N PHE A 93 -5.47 3.34 -5.13
CA PHE A 93 -6.27 2.40 -4.34
C PHE A 93 -5.56 2.12 -3.01
N ARG A 94 -6.30 2.18 -1.92
CA ARG A 94 -5.75 2.03 -0.59
C ARG A 94 -6.46 0.89 0.14
N VAL A 95 -5.69 0.05 0.81
CA VAL A 95 -6.26 -0.92 1.73
C VAL A 95 -5.76 -0.62 3.14
N VAL A 96 -6.55 -0.97 4.14
CA VAL A 96 -6.12 -0.94 5.53
C VAL A 96 -6.07 -2.40 5.98
N ALA A 97 -4.92 -2.85 6.48
CA ALA A 97 -4.72 -4.26 6.83
C ALA A 97 -4.18 -4.45 8.24
N ILE A 98 -4.62 -5.53 8.88
CA ILE A 98 -4.12 -5.96 10.19
C ILE A 98 -3.69 -7.43 10.07
N ARG A 99 -3.30 -8.05 11.19
CA ARG A 99 -2.87 -9.46 11.22
C ARG A 99 -1.62 -9.65 10.36
N ASN A 100 -0.60 -8.84 10.64
CA ASN A 100 0.63 -8.84 9.86
C ASN A 100 0.33 -8.80 8.34
N GLY A 101 -0.54 -7.86 7.98
CA GLY A 101 -0.82 -7.52 6.57
C GLY A 101 -1.83 -8.39 5.83
N THR A 102 -2.35 -9.42 6.47
CA THR A 102 -3.13 -10.46 5.78
C THR A 102 -4.65 -10.22 5.74
N TYR A 103 -5.15 -9.34 6.61
CA TYR A 103 -6.59 -9.16 6.80
C TYR A 103 -6.98 -7.71 6.52
N TYR A 104 -7.74 -7.47 5.45
CA TYR A 104 -8.16 -6.11 5.07
C TYR A 104 -9.41 -5.67 5.84
N LEU A 105 -9.25 -4.60 6.63
CA LEU A 105 -10.35 -3.92 7.29
C LEU A 105 -11.09 -3.03 6.31
N ASP A 106 -10.37 -2.46 5.35
CA ASP A 106 -10.96 -1.52 4.41
C ASP A 106 -10.21 -1.56 3.07
N ALA A 107 -10.91 -1.18 2.01
CA ALA A 107 -10.35 -0.96 0.68
C ALA A 107 -11.16 0.18 0.06
N VAL A 108 -10.48 1.10 -0.61
CA VAL A 108 -11.18 2.25 -1.18
C VAL A 108 -10.35 2.83 -2.32
N CYS A 109 -11.04 3.43 -3.30
CA CYS A 109 -10.40 4.06 -4.46
C CYS A 109 -10.38 5.58 -4.34
N ASP A 110 -9.59 6.24 -5.18
CA ASP A 110 -9.43 7.69 -5.01
C ASP A 110 -10.52 8.55 -5.64
N LYS A 111 -11.48 7.93 -6.32
CA LYS A 111 -12.67 8.67 -6.74
C LYS A 111 -13.62 8.75 -5.55
N CYS A 112 -13.65 7.70 -4.74
CA CYS A 112 -14.44 7.69 -3.50
C CYS A 112 -13.70 8.35 -2.33
N GLU A 113 -12.38 8.23 -2.29
CA GLU A 113 -11.55 8.88 -1.25
C GLU A 113 -10.31 9.57 -1.84
N PRO A 114 -10.47 10.79 -2.37
CA PRO A 114 -9.38 11.59 -2.98
C PRO A 114 -8.14 11.81 -2.11
N ARG A 115 -8.29 11.81 -0.78
CA ARG A 115 -7.15 12.07 0.11
C ARG A 115 -6.08 10.98 0.11
N ILE A 116 -6.43 9.77 -0.32
CA ILE A 116 -5.48 8.66 -0.34
C ILE A 116 -4.25 8.95 -1.23
N THR A 117 -4.45 9.82 -2.22
CA THR A 117 -3.38 10.20 -3.14
C THR A 117 -2.32 11.09 -2.45
N TRP A 118 -2.74 11.93 -1.51
CA TRP A 118 -1.80 12.74 -0.70
C TRP A 118 -1.02 11.92 0.32
N LEU A 119 -1.64 10.81 0.75
CA LEU A 119 -1.02 9.87 1.67
C LEU A 119 0.29 9.31 1.07
N SER A 120 0.20 8.73 -0.12
CA SER A 120 1.39 8.18 -0.79
C SER A 120 2.31 9.25 -1.40
N ALA A 121 1.75 10.41 -1.76
CA ALA A 121 2.54 11.51 -2.33
C ALA A 121 3.61 12.02 -1.36
N ILE A 122 3.27 12.07 -0.07
CA ILE A 122 4.20 12.46 1.00
C ILE A 122 5.45 11.57 1.06
N VAL A 123 5.27 10.27 0.83
CA VAL A 123 6.39 9.32 0.83
C VAL A 123 7.12 9.30 -0.54
N ILE A 124 6.34 9.32 -1.64
CA ILE A 124 6.89 9.19 -2.99
C ILE A 124 7.73 10.35 -3.49
#